data_5NI8
#
_entry.id   5NI8
#
_cell.length_a   62.150
_cell.length_b   62.150
_cell.length_c   158.310
_cell.angle_alpha   90.00
_cell.angle_beta   90.00
_cell.angle_gamma   90.00
#
_symmetry.space_group_name_H-M   'P 41 21 2'
#
loop_
_entity.id
_entity.type
_entity.pdbx_description
1 polymer 'Nuclear receptor ROR-gamma'
2 polymer 'The Tethered SRC2-2 peptide'
3 non-polymer 2-(4-ethylsulfonylphenyl)-~{N}-[4-(2-phenylmethoxypyridin-3-yl)thiophen-2-yl]ethanamide
4 non-polymer 'SODIUM ION'
5 water water
#
loop_
_entity_poly.entity_id
_entity_poly.type
_entity_poly.pdbx_seq_one_letter_code
_entity_poly.pdbx_strand_id
1 'polypeptide(L)'
;MHNHNHNHNHNHNGGENLYFQGASLTEIEHLVQSVCKSYRETCQLRLEDLLRQRSNIFSREEVTGYQRKSMWEMWERCAH
HLTEAIQYVVEFAKRLSGFMELCQNDQIVLLKAGAMEVVLVRMCRAYNADNRTVFFEGKYGGMELFRALGCSELISSIFD
FSHSLSALHFSEDEIALYTALVLINAHRPGLQEKRKVEQLQYNLELAFHHHLCKTHRQSILAKLPPKGKLRSLCSQHVER
LQIFQHLHPIVVQAAFPPLYKELFSGGSGGSGGKEKHKILHRLLQDSS
;
A
2 'polypeptide(L)' KEKHKILHRLLQDSS C
#
# COMPACT_ATOMS: atom_id res chain seq x y z
N GLU A 16 -17.84 21.14 -6.31
CA GLU A 16 -17.36 20.29 -5.20
C GLU A 16 -15.83 20.37 -5.08
N ASN A 17 -15.10 19.97 -6.14
CA ASN A 17 -13.63 20.02 -6.19
C ASN A 17 -13.14 20.37 -7.58
N LEU A 18 -12.12 21.24 -7.64
CA LEU A 18 -11.43 21.73 -8.82
C LEU A 18 -10.93 20.58 -9.73
N TYR A 19 -10.42 19.49 -9.14
CA TYR A 19 -9.86 18.37 -9.88
C TYR A 19 -10.91 17.36 -10.38
N PHE A 20 -12.21 17.69 -10.25
CA PHE A 20 -13.33 16.92 -10.82
C PHE A 20 -13.67 17.51 -12.20
N GLN A 21 -12.98 18.61 -12.55
CA GLN A 21 -13.03 19.32 -13.83
C GLN A 21 -11.60 19.37 -14.42
N GLY A 22 -11.47 19.85 -15.67
CA GLY A 22 -10.19 19.99 -16.36
C GLY A 22 -9.31 21.05 -15.73
N ALA A 23 -8.09 20.65 -15.30
CA ALA A 23 -7.14 21.56 -14.63
C ALA A 23 -6.08 22.13 -15.55
N SER A 24 -5.73 23.41 -15.32
CA SER A 24 -4.68 24.13 -16.03
C SER A 24 -3.30 23.62 -15.54
N LEU A 25 -2.20 24.06 -16.20
CA LEU A 25 -0.82 23.74 -15.81
C LEU A 25 -0.49 24.13 -14.36
N THR A 26 -0.82 25.38 -13.96
CA THR A 26 -0.58 25.91 -12.62
C THR A 26 -1.32 25.13 -11.51
N GLU A 27 -2.56 24.70 -11.78
CA GLU A 27 -3.37 23.88 -10.88
C GLU A 27 -2.81 22.45 -10.77
N ILE A 28 -2.28 21.88 -11.89
CA ILE A 28 -1.60 20.57 -11.94
C ILE A 28 -0.32 20.69 -11.10
N GLU A 29 0.35 21.87 -11.17
CA GLU A 29 1.55 22.13 -10.37
C GLU A 29 1.22 22.19 -8.87
N HIS A 30 0.04 22.76 -8.52
CA HIS A 30 -0.44 22.83 -7.12
C HIS A 30 -0.74 21.40 -6.63
N LEU A 31 -1.37 20.57 -7.50
CA LEU A 31 -1.69 19.17 -7.23
C LEU A 31 -0.45 18.35 -6.88
N VAL A 32 0.67 18.52 -7.63
CA VAL A 32 1.95 17.84 -7.36
C VAL A 32 2.34 18.12 -5.91
N GLN A 33 2.41 19.42 -5.56
CA GLN A 33 2.78 19.84 -4.21
C GLN A 33 1.80 19.32 -3.14
N SER A 34 0.48 19.28 -3.43
CA SER A 34 -0.55 18.82 -2.50
C SER A 34 -0.43 17.32 -2.18
N VAL A 35 -0.22 16.49 -3.23
CA VAL A 35 -0.08 15.04 -3.11
C VAL A 35 1.17 14.70 -2.28
N CYS A 36 2.28 15.37 -2.59
CA CYS A 36 3.56 15.20 -1.93
C CYS A 36 3.47 15.61 -0.45
N LYS A 37 2.72 16.70 -0.12
CA LYS A 37 2.51 17.10 1.27
C LYS A 37 1.71 16.03 2.07
N SER A 38 0.62 15.52 1.48
CA SER A 38 -0.25 14.47 2.05
C SER A 38 0.53 13.20 2.38
N TYR A 39 1.42 12.78 1.47
CA TYR A 39 2.25 11.62 1.63
C TYR A 39 3.28 11.77 2.77
N ARG A 40 4.01 12.92 2.83
CA ARG A 40 5.03 13.18 3.87
C ARG A 40 4.42 13.10 5.26
N GLU A 41 3.16 13.58 5.38
CA GLU A 41 2.37 13.58 6.62
C GLU A 41 1.78 12.22 7.00
N THR A 42 1.81 11.22 6.10
CA THR A 42 1.19 9.90 6.35
C THR A 42 2.05 8.70 5.92
N CYS A 43 3.35 8.91 5.62
CA CYS A 43 4.27 7.85 5.13
C CYS A 43 4.65 6.80 6.19
N GLN A 44 4.10 6.90 7.43
CA GLN A 44 4.27 5.98 8.57
C GLN A 44 5.70 6.08 9.16
N LEU A 45 6.70 5.59 8.44
CA LEU A 45 8.10 5.70 8.84
C LEU A 45 8.82 6.59 7.85
N ARG A 46 9.76 7.42 8.33
CA ARG A 46 10.57 8.27 7.45
C ARG A 46 11.61 7.39 6.71
N LEU A 47 11.88 7.68 5.42
CA LEU A 47 12.83 6.93 4.59
C LEU A 47 14.22 6.84 5.22
N GLU A 48 14.77 7.96 5.71
CA GLU A 48 16.09 8.02 6.35
C GLU A 48 16.22 7.08 7.58
N ASP A 49 15.11 6.87 8.31
CA ASP A 49 15.06 5.95 9.46
C ASP A 49 15.15 4.50 8.95
N LEU A 50 14.42 4.18 7.85
CA LEU A 50 14.43 2.86 7.21
C LEU A 50 15.83 2.56 6.64
N LEU A 51 16.47 3.57 5.98
CA LEU A 51 17.81 3.42 5.37
C LEU A 51 18.92 3.16 6.40
N ARG A 52 18.90 3.93 7.50
CA ARG A 52 19.84 3.87 8.61
C ARG A 52 19.77 2.49 9.32
N GLN A 53 18.54 1.95 9.48
CA GLN A 53 18.26 0.68 10.16
C GLN A 53 18.61 -0.55 9.31
N ARG A 54 19.08 -0.36 8.05
CA ARG A 54 19.50 -1.43 7.14
C ARG A 54 20.64 -2.32 7.69
N SER A 55 21.51 -1.76 8.55
CA SER A 55 22.59 -2.52 9.17
C SER A 55 22.07 -3.43 10.30
N ASN A 56 20.87 -3.14 10.88
CA ASN A 56 20.21 -3.90 11.94
C ASN A 56 19.40 -5.08 11.32
N ILE A 57 20.06 -6.23 11.22
CA ILE A 57 19.53 -7.43 10.59
C ILE A 57 19.35 -8.53 11.64
N PHE A 58 18.24 -9.29 11.56
CA PHE A 58 18.01 -10.42 12.46
C PHE A 58 19.13 -11.47 12.32
N SER A 59 19.61 -11.99 13.46
CA SER A 59 20.63 -13.04 13.52
C SER A 59 20.01 -14.39 13.11
N ARG A 60 20.86 -15.43 12.93
CA ARG A 60 20.43 -16.80 12.62
C ARG A 60 19.45 -17.30 13.69
N GLU A 61 19.74 -17.00 14.98
CA GLU A 61 18.95 -17.34 16.16
C GLU A 61 17.55 -16.72 16.11
N GLU A 62 17.47 -15.42 15.75
CA GLU A 62 16.22 -14.67 15.66
C GLU A 62 15.30 -15.21 14.57
N VAL A 63 15.86 -15.48 13.36
CA VAL A 63 15.18 -16.06 12.17
C VAL A 63 14.56 -17.43 12.56
N THR A 64 15.34 -18.26 13.29
CA THR A 64 14.92 -19.59 13.77
C THR A 64 13.75 -19.43 14.79
N GLY A 65 13.82 -18.35 15.59
CA GLY A 65 12.79 -17.99 16.54
C GLY A 65 11.46 -17.69 15.87
N TYR A 66 11.49 -16.93 14.74
CA TYR A 66 10.30 -16.59 13.95
C TYR A 66 9.78 -17.82 13.19
N GLN A 67 10.70 -18.69 12.76
CA GLN A 67 10.37 -19.93 12.05
C GLN A 67 9.73 -20.95 12.98
N ARG A 68 10.07 -20.89 14.29
CA ARG A 68 9.51 -21.83 15.26
C ARG A 68 8.16 -21.37 15.81
N LYS A 69 7.77 -20.10 15.56
CA LYS A 69 6.46 -19.58 15.97
C LYS A 69 5.36 -20.38 15.28
N SER A 70 4.23 -20.56 15.96
CA SER A 70 3.12 -21.28 15.35
C SER A 70 2.59 -20.47 14.16
N MET A 71 1.92 -21.17 13.23
CA MET A 71 1.34 -20.57 12.03
C MET A 71 0.36 -19.44 12.39
N TRP A 72 -0.54 -19.70 13.35
CA TRP A 72 -1.55 -18.75 13.78
C TRP A 72 -0.97 -17.51 14.45
N GLU A 73 0.12 -17.68 15.22
CA GLU A 73 0.85 -16.63 15.93
C GLU A 73 1.45 -15.65 14.93
N MET A 74 2.17 -16.19 13.91
CA MET A 74 2.79 -15.43 12.85
C MET A 74 1.73 -14.71 11.99
N TRP A 75 0.63 -15.41 11.66
CA TRP A 75 -0.50 -14.84 10.91
C TRP A 75 -1.11 -13.63 11.63
N GLU A 76 -1.28 -13.72 12.97
CA GLU A 76 -1.81 -12.62 13.76
C GLU A 76 -0.88 -11.40 13.78
N ARG A 77 0.44 -11.60 13.99
CA ARG A 77 1.45 -10.53 14.00
C ARG A 77 1.46 -9.79 12.64
N CYS A 78 1.56 -10.55 11.53
CA CYS A 78 1.61 -9.99 10.16
C CYS A 78 0.33 -9.21 9.83
N ALA A 79 -0.86 -9.77 10.18
CA ALA A 79 -2.16 -9.09 9.97
C ALA A 79 -2.22 -7.76 10.76
N HIS A 80 -1.75 -7.74 12.03
CA HIS A 80 -1.68 -6.54 12.88
C HIS A 80 -0.76 -5.43 12.28
N HIS A 81 0.48 -5.80 11.88
CA HIS A 81 1.45 -4.89 11.25
C HIS A 81 0.92 -4.33 9.96
N LEU A 82 0.31 -5.21 9.11
CA LEU A 82 -0.33 -4.81 7.87
C LEU A 82 -1.50 -3.82 8.13
N THR A 83 -2.30 -4.04 9.22
CA THR A 83 -3.39 -3.15 9.60
C THR A 83 -2.83 -1.76 10.02
N GLU A 84 -1.69 -1.73 10.74
CA GLU A 84 -1.00 -0.51 11.17
C GLU A 84 -0.63 0.34 9.93
N ALA A 85 -0.05 -0.29 8.86
CA ALA A 85 0.31 0.38 7.61
C ALA A 85 -0.91 0.90 6.84
N ILE A 86 -1.97 0.07 6.73
CA ILE A 86 -3.25 0.39 6.08
C ILE A 86 -3.88 1.65 6.68
N GLN A 87 -3.83 1.79 8.02
CA GLN A 87 -4.34 2.96 8.73
C GLN A 87 -3.70 4.26 8.24
N TYR A 88 -2.39 4.23 7.92
CA TYR A 88 -1.67 5.39 7.39
C TYR A 88 -2.11 5.71 5.95
N VAL A 89 -2.49 4.66 5.16
CA VAL A 89 -2.99 4.76 3.79
C VAL A 89 -4.39 5.42 3.80
N VAL A 90 -5.22 5.07 4.76
CA VAL A 90 -6.55 5.65 4.98
C VAL A 90 -6.34 7.17 5.27
N GLU A 91 -5.33 7.51 6.08
CA GLU A 91 -5.02 8.91 6.41
C GLU A 91 -4.50 9.67 5.19
N PHE A 92 -3.74 8.99 4.30
CA PHE A 92 -3.26 9.54 3.05
C PHE A 92 -4.47 9.89 2.13
N ALA A 93 -5.44 8.94 1.97
CA ALA A 93 -6.66 9.11 1.16
C ALA A 93 -7.47 10.30 1.68
N LYS A 94 -7.68 10.38 3.03
CA LYS A 94 -8.40 11.48 3.67
C LYS A 94 -7.80 12.87 3.33
N ARG A 95 -6.45 12.96 3.21
CA ARG A 95 -5.75 14.22 2.92
C ARG A 95 -5.51 14.47 1.41
N LEU A 96 -5.82 13.47 0.57
CA LEU A 96 -5.64 13.53 -0.88
C LEU A 96 -6.76 14.38 -1.47
N SER A 97 -6.40 15.41 -2.28
CA SER A 97 -7.31 16.37 -2.91
C SER A 97 -8.41 15.69 -3.70
N GLY A 98 -9.66 15.96 -3.33
CA GLY A 98 -10.84 15.41 -3.99
C GLY A 98 -11.43 14.14 -3.40
N PHE A 99 -10.63 13.30 -2.69
CA PHE A 99 -11.12 12.03 -2.13
C PHE A 99 -12.32 12.22 -1.17
N MET A 100 -12.23 13.21 -0.25
CA MET A 100 -13.33 13.48 0.70
C MET A 100 -14.57 14.10 0.03
N GLU A 101 -14.41 14.64 -1.20
CA GLU A 101 -15.50 15.24 -1.98
C GLU A 101 -16.31 14.14 -2.65
N LEU A 102 -15.73 12.92 -2.77
CA LEU A 102 -16.44 11.76 -3.31
C LEU A 102 -17.46 11.27 -2.27
N CYS A 103 -18.44 10.47 -2.69
CA CYS A 103 -19.43 9.91 -1.79
C CYS A 103 -18.81 8.82 -0.91
N GLN A 104 -19.41 8.54 0.27
CA GLN A 104 -18.90 7.52 1.19
C GLN A 104 -18.80 6.12 0.52
N ASN A 105 -19.75 5.76 -0.38
CA ASN A 105 -19.71 4.48 -1.10
C ASN A 105 -18.41 4.35 -1.90
N ASP A 106 -18.11 5.37 -2.72
CA ASP A 106 -16.95 5.42 -3.60
C ASP A 106 -15.63 5.45 -2.84
N GLN A 107 -15.55 6.16 -1.68
CA GLN A 107 -14.38 6.22 -0.80
C GLN A 107 -14.09 4.81 -0.24
N ILE A 108 -15.15 4.12 0.23
CA ILE A 108 -15.05 2.76 0.75
C ILE A 108 -14.62 1.81 -0.38
N VAL A 109 -15.23 1.90 -1.59
CA VAL A 109 -14.87 1.10 -2.76
C VAL A 109 -13.37 1.25 -3.08
N LEU A 110 -12.87 2.52 -3.16
CA LEU A 110 -11.48 2.81 -3.50
C LEU A 110 -10.51 2.27 -2.47
N LEU A 111 -10.79 2.45 -1.18
CA LEU A 111 -9.94 1.96 -0.10
C LEU A 111 -10.00 0.43 0.03
N LYS A 112 -11.18 -0.16 -0.12
CA LYS A 112 -11.29 -1.63 -0.09
C LYS A 112 -10.43 -2.31 -1.16
N ALA A 113 -10.42 -1.74 -2.38
CA ALA A 113 -9.65 -2.26 -3.51
C ALA A 113 -8.17 -1.80 -3.57
N GLY A 114 -7.90 -0.60 -3.08
CA GLY A 114 -6.57 0.00 -3.21
C GLY A 114 -5.66 0.08 -2.01
N ALA A 115 -6.17 -0.01 -0.74
CA ALA A 115 -5.33 0.13 0.46
C ALA A 115 -4.12 -0.82 0.48
N MET A 116 -4.37 -2.11 0.21
CA MET A 116 -3.37 -3.18 0.12
C MET A 116 -2.35 -2.92 -0.97
N GLU A 117 -2.82 -2.48 -2.15
CA GLU A 117 -1.99 -2.13 -3.31
C GLU A 117 -1.02 -0.99 -2.93
N VAL A 118 -1.53 0.03 -2.20
CA VAL A 118 -0.71 1.18 -1.76
C VAL A 118 0.37 0.74 -0.75
N VAL A 119 -0.01 -0.16 0.18
CA VAL A 119 0.89 -0.72 1.19
C VAL A 119 2.06 -1.48 0.51
N LEU A 120 1.74 -2.30 -0.53
CA LEU A 120 2.71 -3.08 -1.31
C LEU A 120 3.66 -2.16 -2.07
N VAL A 121 3.17 -1.02 -2.60
CA VAL A 121 4.03 -0.03 -3.26
C VAL A 121 4.96 0.62 -2.22
N ARG A 122 4.37 1.11 -1.10
CA ARG A 122 5.06 1.76 0.04
C ARG A 122 6.15 0.87 0.64
N MET A 123 5.91 -0.47 0.67
CA MET A 123 6.79 -1.51 1.22
C MET A 123 8.18 -1.52 0.59
N CYS A 124 8.30 -1.16 -0.71
CA CYS A 124 9.58 -1.08 -1.43
C CYS A 124 10.62 -0.15 -0.72
N ARG A 125 10.17 0.87 0.04
CA ARG A 125 11.05 1.78 0.82
C ARG A 125 11.77 1.03 1.93
N ALA A 126 11.09 0.02 2.51
CA ALA A 126 11.53 -0.83 3.62
C ALA A 126 12.22 -2.07 3.11
N TYR A 127 12.45 -2.15 1.79
CA TYR A 127 13.08 -3.31 1.21
C TYR A 127 14.50 -2.97 0.79
N ASN A 128 15.44 -3.78 1.23
CA ASN A 128 16.83 -3.61 0.86
C ASN A 128 17.18 -4.57 -0.29
N ALA A 129 17.35 -4.03 -1.50
CA ALA A 129 17.68 -4.78 -2.71
C ALA A 129 19.06 -5.45 -2.63
N ASP A 130 20.04 -4.81 -1.93
CA ASP A 130 21.42 -5.29 -1.76
C ASP A 130 21.52 -6.68 -1.11
N ASN A 131 20.69 -6.97 -0.09
CA ASN A 131 20.75 -8.25 0.62
C ASN A 131 19.40 -8.98 0.68
N ARG A 132 18.41 -8.48 -0.09
CA ARG A 132 17.05 -9.03 -0.22
C ARG A 132 16.33 -9.16 1.14
N THR A 133 16.36 -8.09 1.93
CA THR A 133 15.68 -8.07 3.23
C THR A 133 14.60 -7.02 3.29
N VAL A 134 13.64 -7.22 4.18
CA VAL A 134 12.52 -6.31 4.43
C VAL A 134 12.55 -5.92 5.91
N PHE A 135 12.12 -4.69 6.24
CA PHE A 135 12.00 -4.24 7.62
C PHE A 135 10.70 -4.84 8.24
N PHE A 136 10.85 -5.55 9.34
CA PHE A 136 9.79 -6.25 10.07
C PHE A 136 10.19 -6.31 11.53
N GLU A 137 9.29 -5.79 12.41
CA GLU A 137 9.42 -5.72 13.87
C GLU A 137 10.81 -5.26 14.36
N GLY A 138 11.25 -4.10 13.89
CA GLY A 138 12.50 -3.48 14.29
C GLY A 138 13.76 -3.82 13.53
N LYS A 139 13.78 -4.95 12.77
CA LYS A 139 14.99 -5.32 12.01
C LYS A 139 14.72 -5.74 10.56
N TYR A 140 15.80 -5.96 9.82
CA TYR A 140 15.71 -6.43 8.45
C TYR A 140 15.85 -7.93 8.41
N GLY A 141 14.91 -8.57 7.75
CA GLY A 141 14.93 -10.02 7.58
C GLY A 141 14.57 -10.44 6.17
N GLY A 142 15.21 -11.52 5.71
CA GLY A 142 14.93 -12.16 4.43
C GLY A 142 13.58 -12.89 4.46
N MET A 143 13.15 -13.45 3.32
CA MET A 143 11.84 -14.11 3.20
C MET A 143 11.71 -15.37 4.09
N GLU A 144 12.86 -15.99 4.47
CA GLU A 144 12.93 -17.15 5.36
C GLU A 144 12.29 -16.88 6.74
N LEU A 145 12.27 -15.60 7.15
CA LEU A 145 11.65 -15.12 8.39
C LEU A 145 10.12 -15.41 8.46
N PHE A 146 9.43 -15.40 7.31
CA PHE A 146 7.96 -15.61 7.16
C PHE A 146 7.54 -17.08 6.88
N ARG A 147 8.48 -18.03 6.95
CA ARG A 147 8.22 -19.46 6.66
C ARG A 147 7.09 -20.12 7.48
N ALA A 148 6.88 -19.69 8.74
CA ALA A 148 5.83 -20.27 9.61
C ALA A 148 4.39 -20.00 9.09
N LEU A 149 4.19 -18.95 8.24
CA LEU A 149 2.88 -18.59 7.63
C LEU A 149 2.32 -19.68 6.70
N GLY A 150 3.22 -20.44 6.09
CA GLY A 150 2.89 -21.48 5.13
C GLY A 150 2.26 -20.92 3.87
N CYS A 151 2.79 -19.78 3.38
CA CYS A 151 2.36 -19.12 2.16
C CYS A 151 3.58 -18.55 1.37
N SER A 152 4.58 -19.44 1.18
CA SER A 152 5.88 -19.20 0.53
C SER A 152 5.80 -18.50 -0.83
N GLU A 153 4.88 -18.94 -1.73
CA GLU A 153 4.70 -18.36 -3.07
C GLU A 153 4.37 -16.87 -2.97
N LEU A 154 3.38 -16.52 -2.14
CA LEU A 154 2.95 -15.16 -1.88
C LEU A 154 4.08 -14.30 -1.27
N ILE A 155 4.85 -14.84 -0.28
CA ILE A 155 5.98 -14.15 0.37
C ILE A 155 7.06 -13.84 -0.66
N SER A 156 7.42 -14.84 -1.49
CA SER A 156 8.39 -14.64 -2.57
C SER A 156 7.84 -13.71 -3.66
N SER A 157 6.50 -13.69 -3.90
CA SER A 157 5.90 -12.77 -4.88
C SER A 157 6.00 -11.32 -4.38
N ILE A 158 5.82 -11.08 -3.06
CA ILE A 158 5.94 -9.73 -2.47
C ILE A 158 7.41 -9.27 -2.48
N PHE A 159 8.34 -10.20 -2.21
CA PHE A 159 9.78 -9.89 -2.22
C PHE A 159 10.25 -9.51 -3.63
N ASP A 160 9.80 -10.25 -4.67
CA ASP A 160 10.17 -9.93 -6.06
C ASP A 160 9.59 -8.60 -6.55
N PHE A 161 8.34 -8.30 -6.13
CA PHE A 161 7.66 -7.05 -6.46
C PHE A 161 8.42 -5.88 -5.83
N SER A 162 8.83 -6.02 -4.55
CA SER A 162 9.60 -5.03 -3.80
C SER A 162 10.95 -4.82 -4.52
N HIS A 163 11.55 -5.92 -5.01
CA HIS A 163 12.80 -5.93 -5.74
C HIS A 163 12.72 -5.17 -7.06
N SER A 164 11.71 -5.45 -7.89
CA SER A 164 11.53 -4.76 -9.17
C SER A 164 11.22 -3.26 -8.99
N LEU A 165 10.52 -2.86 -7.88
CA LEU A 165 10.25 -1.44 -7.59
C LEU A 165 11.51 -0.75 -7.08
N SER A 166 12.30 -1.45 -6.22
CA SER A 166 13.55 -0.97 -5.66
C SER A 166 14.57 -0.63 -6.76
N ALA A 167 14.52 -1.38 -7.90
CA ALA A 167 15.41 -1.20 -9.07
C ALA A 167 15.09 0.09 -9.83
N LEU A 168 13.90 0.67 -9.61
CA LEU A 168 13.50 1.92 -10.25
C LEU A 168 14.06 3.15 -9.52
N HIS A 169 14.55 2.98 -8.26
CA HIS A 169 15.10 4.06 -7.42
C HIS A 169 14.12 5.22 -7.29
N PHE A 170 12.93 4.91 -6.80
CA PHE A 170 11.84 5.84 -6.58
C PHE A 170 12.22 6.89 -5.53
N SER A 171 11.91 8.16 -5.82
CA SER A 171 12.08 9.25 -4.84
C SER A 171 10.81 9.20 -3.97
N GLU A 172 10.78 9.91 -2.83
CA GLU A 172 9.58 9.96 -1.97
C GLU A 172 8.41 10.61 -2.72
N ASP A 173 8.71 11.68 -3.49
CA ASP A 173 7.74 12.42 -4.30
C ASP A 173 7.10 11.50 -5.36
N GLU A 174 7.92 10.63 -5.98
CA GLU A 174 7.49 9.63 -6.97
C GLU A 174 6.53 8.62 -6.39
N ILE A 175 6.83 8.13 -5.17
CA ILE A 175 5.98 7.18 -4.43
C ILE A 175 4.65 7.86 -4.12
N ALA A 176 4.69 9.14 -3.69
CA ALA A 176 3.51 9.96 -3.37
C ALA A 176 2.53 10.01 -4.54
N LEU A 177 3.02 10.43 -5.72
CA LEU A 177 2.25 10.58 -6.93
C LEU A 177 1.78 9.25 -7.52
N TYR A 178 2.66 8.23 -7.52
CA TYR A 178 2.30 6.90 -8.01
C TYR A 178 1.24 6.23 -7.12
N THR A 179 1.39 6.30 -5.79
CA THR A 179 0.41 5.70 -4.85
C THR A 179 -0.93 6.40 -4.90
N ALA A 180 -0.94 7.74 -5.15
CA ALA A 180 -2.16 8.54 -5.27
C ALA A 180 -2.98 7.97 -6.44
N LEU A 181 -2.30 7.70 -7.57
CA LEU A 181 -2.86 7.06 -8.77
C LEU A 181 -3.29 5.63 -8.56
N VAL A 182 -2.59 4.89 -7.67
CA VAL A 182 -2.96 3.50 -7.35
C VAL A 182 -4.33 3.49 -6.65
N LEU A 183 -4.52 4.42 -5.67
CA LEU A 183 -5.75 4.62 -4.93
C LEU A 183 -6.91 5.14 -5.81
N ILE A 184 -6.69 6.21 -6.61
CA ILE A 184 -7.77 6.79 -7.42
C ILE A 184 -7.80 6.12 -8.81
N ASN A 185 -8.47 4.96 -8.87
CA ASN A 185 -8.65 4.11 -10.03
C ASN A 185 -10.17 4.14 -10.37
N ALA A 186 -10.52 4.76 -11.50
CA ALA A 186 -11.92 4.88 -11.93
C ALA A 186 -12.52 3.54 -12.43
N HIS A 187 -11.69 2.51 -12.64
CA HIS A 187 -12.13 1.20 -13.09
C HIS A 187 -12.49 0.23 -11.97
N ARG A 188 -12.44 0.65 -10.69
CA ARG A 188 -12.81 -0.24 -9.58
C ARG A 188 -14.27 -0.58 -9.64
N PRO A 189 -14.62 -1.89 -9.63
CA PRO A 189 -16.06 -2.26 -9.59
C PRO A 189 -16.78 -1.70 -8.36
N GLY A 190 -17.95 -1.13 -8.62
CA GLY A 190 -18.82 -0.58 -7.59
C GLY A 190 -18.84 0.91 -7.41
N LEU A 191 -18.07 1.66 -8.24
CA LEU A 191 -18.07 3.13 -8.16
C LEU A 191 -19.34 3.72 -8.77
N GLN A 192 -20.03 4.53 -7.98
CA GLN A 192 -21.27 5.19 -8.38
C GLN A 192 -20.98 6.44 -9.27
N GLU A 193 -20.08 7.32 -8.80
CA GLU A 193 -19.71 8.53 -9.53
C GLU A 193 -18.41 8.30 -10.33
N LYS A 194 -18.48 7.37 -11.32
CA LYS A 194 -17.36 6.94 -12.17
C LYS A 194 -16.68 8.10 -12.90
N ARG A 195 -17.47 9.04 -13.48
CA ARG A 195 -16.98 10.23 -14.20
C ARG A 195 -16.16 11.19 -13.30
N LYS A 196 -16.61 11.41 -12.05
CA LYS A 196 -15.91 12.25 -11.05
C LYS A 196 -14.55 11.65 -10.72
N VAL A 197 -14.52 10.30 -10.53
CA VAL A 197 -13.29 9.54 -10.26
C VAL A 197 -12.36 9.57 -11.50
N GLU A 198 -12.94 9.40 -12.74
CA GLU A 198 -12.23 9.42 -14.03
C GLU A 198 -11.44 10.72 -14.18
N GLN A 199 -12.08 11.85 -13.83
CA GLN A 199 -11.47 13.18 -13.89
C GLN A 199 -10.42 13.39 -12.81
N LEU A 200 -10.67 12.92 -11.57
CA LEU A 200 -9.67 13.01 -10.50
C LEU A 200 -8.39 12.22 -10.89
N GLN A 201 -8.57 10.99 -11.45
CA GLN A 201 -7.52 10.11 -11.94
C GLN A 201 -6.72 10.76 -13.08
N TYR A 202 -7.39 11.38 -14.06
CA TYR A 202 -6.76 12.07 -15.19
C TYR A 202 -5.85 13.21 -14.71
N ASN A 203 -6.31 14.01 -13.70
CA ASN A 203 -5.49 15.09 -13.14
C ASN A 203 -4.30 14.58 -12.32
N LEU A 204 -4.50 13.51 -11.51
CA LEU A 204 -3.42 12.86 -10.75
C LEU A 204 -2.41 12.24 -11.71
N GLU A 205 -2.90 11.68 -12.85
CA GLU A 205 -2.09 11.11 -13.94
C GLU A 205 -1.18 12.21 -14.51
N LEU A 206 -1.78 13.38 -14.84
CA LEU A 206 -1.09 14.56 -15.36
C LEU A 206 -0.04 15.06 -14.36
N ALA A 207 -0.38 15.06 -13.05
CA ALA A 207 0.49 15.50 -11.96
C ALA A 207 1.75 14.61 -11.83
N PHE A 208 1.57 13.26 -11.87
CA PHE A 208 2.68 12.30 -11.78
C PHE A 208 3.58 12.46 -13.04
N HIS A 209 2.98 12.47 -14.21
CA HIS A 209 3.66 12.60 -15.49
C HIS A 209 4.32 13.97 -15.66
N HIS A 210 3.73 15.05 -15.08
CA HIS A 210 4.32 16.40 -15.06
C HIS A 210 5.59 16.43 -14.18
N HIS A 211 5.54 15.75 -13.01
CA HIS A 211 6.67 15.72 -12.09
C HIS A 211 7.85 14.94 -12.70
N LEU A 212 7.56 13.79 -13.36
CA LEU A 212 8.54 12.95 -14.04
C LEU A 212 9.19 13.71 -15.19
N CYS A 213 8.39 14.52 -15.91
CA CYS A 213 8.84 15.36 -17.03
C CYS A 213 9.81 16.43 -16.50
N LYS A 214 9.42 17.08 -15.39
CA LYS A 214 10.15 18.15 -14.69
C LYS A 214 11.47 17.67 -14.04
N THR A 215 11.57 16.38 -13.67
CA THR A 215 12.74 15.76 -13.03
C THR A 215 13.55 14.84 -13.98
N HIS A 216 13.19 14.81 -15.29
CA HIS A 216 13.83 14.00 -16.35
C HIS A 216 13.81 12.51 -15.98
N ARG A 217 12.63 12.07 -15.49
CA ARG A 217 12.37 10.71 -15.00
C ARG A 217 11.29 9.96 -15.79
N GLN A 218 10.91 10.44 -16.99
CA GLN A 218 9.90 9.81 -17.87
C GLN A 218 10.30 8.39 -18.35
N SER A 219 11.60 8.02 -18.24
CA SER A 219 12.12 6.71 -18.62
C SER A 219 11.55 5.55 -17.76
N ILE A 220 11.04 5.89 -16.56
CA ILE A 220 10.47 4.91 -15.63
C ILE A 220 9.03 4.48 -16.02
N LEU A 221 8.33 5.23 -16.91
CA LEU A 221 6.95 4.93 -17.29
C LEU A 221 6.75 3.53 -17.91
N ALA A 222 7.66 3.13 -18.81
CA ALA A 222 7.64 1.81 -19.44
C ALA A 222 8.08 0.72 -18.43
N LYS A 223 8.88 1.12 -17.42
CA LYS A 223 9.47 0.26 -16.38
C LYS A 223 8.53 -0.05 -15.21
N LEU A 224 7.42 0.69 -15.08
CA LEU A 224 6.42 0.50 -14.02
C LEU A 224 5.70 -0.86 -14.20
N PRO A 225 5.27 -1.53 -13.09
CA PRO A 225 4.60 -2.84 -13.24
C PRO A 225 3.20 -2.74 -13.89
N PRO A 226 2.73 -3.79 -14.62
CA PRO A 226 1.34 -3.72 -15.19
C PRO A 226 0.31 -3.76 -14.05
N LYS A 227 -0.88 -3.13 -14.22
CA LYS A 227 -1.93 -3.06 -13.18
C LYS A 227 -2.37 -4.42 -12.65
N GLY A 228 -2.33 -5.42 -13.54
CA GLY A 228 -2.66 -6.81 -13.23
C GLY A 228 -1.72 -7.46 -12.24
N LYS A 229 -0.46 -6.96 -12.14
CA LYS A 229 0.56 -7.48 -11.20
C LYS A 229 0.16 -7.18 -9.74
N LEU A 230 -0.26 -5.94 -9.45
CA LEU A 230 -0.69 -5.51 -8.11
C LEU A 230 -1.99 -6.24 -7.71
N ARG A 231 -2.87 -6.46 -8.70
CA ARG A 231 -4.13 -7.18 -8.55
C ARG A 231 -3.86 -8.66 -8.23
N SER A 232 -2.85 -9.27 -8.91
CA SER A 232 -2.45 -10.66 -8.69
C SER A 232 -1.97 -10.85 -7.23
N LEU A 233 -1.20 -9.88 -6.70
CA LEU A 233 -0.70 -9.90 -5.33
C LEU A 233 -1.82 -9.78 -4.30
N CYS A 234 -2.81 -8.91 -4.56
CA CYS A 234 -3.96 -8.76 -3.66
C CYS A 234 -4.83 -10.01 -3.66
N SER A 235 -5.04 -10.63 -4.84
CA SER A 235 -5.81 -11.87 -5.01
C SER A 235 -5.11 -13.03 -4.31
N GLN A 236 -3.76 -13.07 -4.38
CA GLN A 236 -2.95 -14.09 -3.72
C GLN A 236 -3.10 -14.00 -2.21
N HIS A 237 -3.07 -12.77 -1.66
CA HIS A 237 -3.21 -12.49 -0.23
C HIS A 237 -4.60 -12.93 0.31
N VAL A 238 -5.69 -12.60 -0.43
CA VAL A 238 -7.06 -12.97 -0.08
C VAL A 238 -7.21 -14.50 -0.11
N GLU A 239 -6.63 -15.16 -1.13
CA GLU A 239 -6.66 -16.62 -1.28
C GLU A 239 -5.91 -17.34 -0.13
N ARG A 240 -4.73 -16.82 0.27
CA ARG A 240 -3.94 -17.40 1.38
C ARG A 240 -4.59 -17.21 2.75
N LEU A 241 -5.28 -16.06 2.94
CA LEU A 241 -6.03 -15.75 4.17
C LEU A 241 -7.21 -16.72 4.31
N GLN A 242 -7.95 -16.98 3.21
CA GLN A 242 -9.07 -17.92 3.20
C GLN A 242 -8.61 -19.32 3.60
N ILE A 243 -7.41 -19.76 3.11
CA ILE A 243 -6.79 -21.04 3.46
C ILE A 243 -6.51 -21.04 4.98
N PHE A 244 -5.87 -19.98 5.51
CA PHE A 244 -5.58 -19.85 6.94
C PHE A 244 -6.87 -19.86 7.77
N GLN A 245 -7.92 -19.15 7.28
CA GLN A 245 -9.24 -19.03 7.92
C GLN A 245 -9.87 -20.41 8.12
N HIS A 246 -9.85 -21.29 7.11
CA HIS A 246 -10.40 -22.65 7.21
C HIS A 246 -9.68 -23.49 8.31
N LEU A 247 -8.34 -23.32 8.43
CA LEU A 247 -7.49 -24.01 9.40
C LEU A 247 -7.71 -23.53 10.83
N HIS A 248 -7.76 -22.20 11.04
CA HIS A 248 -7.91 -21.53 12.33
C HIS A 248 -8.99 -20.46 12.25
N PRO A 249 -10.29 -20.85 12.20
CA PRO A 249 -11.35 -19.84 12.05
C PRO A 249 -11.58 -18.92 13.25
N ILE A 250 -11.39 -19.46 14.47
CA ILE A 250 -11.55 -18.71 15.73
C ILE A 250 -10.40 -17.74 15.93
N VAL A 251 -9.19 -18.04 15.39
CA VAL A 251 -8.04 -17.13 15.42
C VAL A 251 -8.42 -15.86 14.65
N VAL A 252 -8.97 -16.04 13.44
CA VAL A 252 -9.40 -14.92 12.60
C VAL A 252 -10.55 -14.18 13.30
N GLN A 253 -11.57 -14.91 13.76
CA GLN A 253 -12.75 -14.36 14.44
C GLN A 253 -12.43 -13.57 15.74
N ALA A 254 -11.54 -14.10 16.62
CA ALA A 254 -11.23 -13.49 17.90
C ALA A 254 -9.97 -12.61 17.94
N ALA A 255 -8.93 -12.89 17.13
CA ALA A 255 -7.69 -12.13 17.27
C ALA A 255 -7.15 -11.41 16.01
N PHE A 256 -7.91 -11.38 14.92
CA PHE A 256 -7.47 -10.63 13.74
C PHE A 256 -8.02 -9.21 13.87
N PRO A 257 -7.27 -8.15 13.46
CA PRO A 257 -7.83 -6.78 13.59
C PRO A 257 -9.14 -6.57 12.82
N PRO A 258 -10.13 -5.85 13.39
CA PRO A 258 -11.41 -5.63 12.67
C PRO A 258 -11.27 -4.96 11.30
N LEU A 259 -10.36 -3.98 11.14
CA LEU A 259 -10.14 -3.35 9.83
C LEU A 259 -9.62 -4.35 8.78
N TYR A 260 -8.70 -5.24 9.20
CA TYR A 260 -8.14 -6.30 8.35
C TYR A 260 -9.30 -7.23 7.85
N LYS A 261 -10.19 -7.65 8.76
CA LYS A 261 -11.33 -8.52 8.43
C LYS A 261 -12.33 -7.83 7.50
N GLU A 262 -12.59 -6.53 7.73
CA GLU A 262 -13.48 -5.72 6.90
C GLU A 262 -12.96 -5.61 5.45
N LEU A 263 -11.63 -5.54 5.28
CA LEU A 263 -11.03 -5.44 3.95
C LEU A 263 -10.77 -6.74 3.22
N PHE A 264 -10.34 -7.81 3.93
CA PHE A 264 -9.88 -9.00 3.22
C PHE A 264 -10.73 -10.28 3.38
N SER A 265 -11.66 -10.33 4.34
CA SER A 265 -12.52 -11.52 4.49
C SER A 265 -14.02 -11.20 4.30
N GLY A 266 -14.43 -9.94 4.55
CA GLY A 266 -15.80 -9.48 4.37
C GLY A 266 -16.57 -9.03 5.59
N GLY A 267 -15.90 -8.30 6.49
CA GLY A 267 -16.50 -7.78 7.71
C GLY A 267 -16.01 -8.46 8.98
N LYS B 5 -18.18 -1.13 9.18
CA LYS B 5 -18.14 -0.55 10.52
C LYS B 5 -16.90 0.35 10.78
N ILE B 6 -15.68 -0.24 10.68
CA ILE B 6 -14.40 0.44 10.96
C ILE B 6 -14.04 1.52 9.94
N LEU B 7 -14.09 1.18 8.62
CA LEU B 7 -13.77 2.10 7.53
C LEU B 7 -14.64 3.38 7.57
N HIS B 8 -15.98 3.21 7.74
CA HIS B 8 -16.95 4.32 7.88
C HIS B 8 -16.53 5.23 9.04
N ARG B 9 -16.18 4.64 10.20
CA ARG B 9 -15.73 5.33 11.41
C ARG B 9 -14.44 6.13 11.17
N LEU B 10 -13.42 5.53 10.49
CA LEU B 10 -12.15 6.18 10.19
C LEU B 10 -12.32 7.42 9.30
N LEU B 11 -13.20 7.30 8.30
CA LEU B 11 -13.53 8.37 7.34
C LEU B 11 -14.32 9.51 7.96
N GLN B 12 -15.11 9.19 9.01
CA GLN B 12 -15.97 10.14 9.75
C GLN B 12 -15.22 10.87 10.88
N ASP B 13 -14.12 10.28 11.39
CA ASP B 13 -13.35 10.81 12.52
C ASP B 13 -12.36 11.93 12.11
N SER B 14 -12.85 13.19 12.15
CA SER B 14 -12.09 14.39 11.81
C SER B 14 -11.86 15.26 13.04
#